data_7F6L
#
_entry.id   7F6L
#
_cell.length_a   93.097
_cell.length_b   93.097
_cell.length_c   87.993
_cell.angle_alpha   90.000
_cell.angle_beta   90.000
_cell.angle_gamma   90.000
#
_symmetry.space_group_name_H-M   'P 41'
#
loop_
_entity.id
_entity.type
_entity.pdbx_description
1 polymer 'Crossover junction endonuclease MUS81'
2 polymer 'Probable crossover junction endonuclease EME2'
#
loop_
_entity_poly.entity_id
_entity_poly.type
_entity_poly.pdbx_seq_one_letter_code
_entity_poly.pdbx_strand_id
1 'polypeptide(L)'
;SAELASEAGVQQQPLELRPGEYRVLLCVDIGETRGGGHRPELLRELQRLHVTHTVRKLHVGDFVWVAQETNPRDPANPGE
LVLDHIVERKRLDDLCSSIIDGRFREQKFRLKRCGLERRVYLVEEHGSVHNLSLPESTLLQAVTNTQVIDGFFVKRTADI
KESAAYLALLTRGLQRLYQGHTLRSRPWGTPGNPESGAMTSPNPLCSLLTFSDFNAGAIKNKAQSVREVFARQLMQVRGV
SGEKAAALVDRYSTPASLLAAYDACATPKEQETLLSTIKCGRLQRNLGPALSRTLSQLYCSYGPLT
;
A
2 'polypeptide(L)'
;MARVGPGRAGVSCQGRGRGRGGSGQRRPPTWEISDSDAEDSAGSEAAARARDPAGERRAAAEALRLLRPEQVLKRLAVCV
DTAILEDAGADVLMEALEALGCECRIEPQRPARSLRWTRASPDPCPRSLPPEVWAAGEQELLLLLEPEEFLQGVATLTQI
SGPTHWVPWISPETTARPHLAVIGLDAYLWSRQHVSRGTQQPESPKVAGAEVAVSWPEVEEALVLLQLWANLDVLLVASW
QELSRHVCAVTKALAQYPLKQYRESQAFSFCTAGRWAAGEPVARDGAGLQAAWRRQIRQFSRVSPAVADAVVTAFPSPRL
LQQALEACSTERERMGLLADLPVPPSEGGRPRRVGPDLSRRICLFLTTANPDLLLDLGS
;
B
#
# COMPACT_ATOMS: atom_id res chain seq x y z
N PRO A 14 -13.06 16.20 20.29
CA PRO A 14 -13.54 17.39 21.01
C PRO A 14 -12.39 18.25 21.57
N LEU A 15 -11.35 18.47 20.78
CA LEU A 15 -10.06 18.92 21.31
C LEU A 15 -9.54 20.13 20.53
N GLU A 16 -8.88 21.04 21.24
CA GLU A 16 -8.05 22.08 20.62
C GLU A 16 -6.66 22.07 21.24
N LEU A 17 -5.67 22.29 20.39
CA LEU A 17 -4.31 22.51 20.86
C LEU A 17 -3.95 23.97 20.63
N ARG A 18 -3.69 24.64 21.72
CA ARG A 18 -3.51 26.08 21.75
C ARG A 18 -2.06 26.38 21.36
N PRO A 19 -1.80 27.41 20.55
CA PRO A 19 -0.42 27.65 20.08
C PRO A 19 0.55 28.17 21.12
N GLY A 20 0.04 28.66 22.26
CA GLY A 20 0.90 29.23 23.28
C GLY A 20 1.82 28.21 23.93
N GLU A 21 1.28 27.02 24.23
CA GLU A 21 2.15 25.88 24.47
C GLU A 21 1.41 24.63 24.01
N TYR A 22 2.15 23.77 23.30
CA TYR A 22 1.84 22.38 23.01
C TYR A 22 3.12 21.73 22.54
N ARG A 23 3.10 20.41 22.44
CA ARG A 23 4.32 19.63 22.29
C ARG A 23 4.32 18.94 20.94
N VAL A 24 5.36 19.17 20.15
CA VAL A 24 5.54 18.48 18.88
C VAL A 24 6.63 17.43 19.07
N LEU A 25 6.24 16.15 19.10
CA LEU A 25 7.24 15.12 19.37
C LEU A 25 7.03 13.90 18.48
N LEU A 26 8.09 13.11 18.40
CA LEU A 26 8.17 11.93 17.56
C LEU A 26 7.65 10.71 18.31
N CYS A 27 6.88 9.89 17.62
CA CYS A 27 6.48 8.58 18.12
C CYS A 27 7.18 7.50 17.28
N VAL A 28 7.87 6.56 17.95
CA VAL A 28 8.55 5.50 17.22
C VAL A 28 7.88 4.17 17.56
N ASP A 29 7.96 3.24 16.63
CA ASP A 29 7.36 1.93 16.83
C ASP A 29 8.28 1.10 17.73
N ILE A 30 7.75 0.00 18.26
CA ILE A 30 8.54 -0.79 19.19
C ILE A 30 9.54 -1.69 18.46
N GLY A 31 9.26 -2.07 17.20
CA GLY A 31 10.05 -3.06 16.48
C GLY A 31 11.45 -2.70 15.98
N GLU A 32 12.09 -1.71 16.56
CA GLU A 32 13.38 -1.23 16.08
C GLU A 32 14.56 -1.91 16.79
N THR A 33 14.31 -2.93 17.60
CA THR A 33 15.35 -3.80 18.19
C THR A 33 16.09 -4.63 17.13
N GLU A 41 21.52 -0.30 16.89
CA GLU A 41 20.11 0.00 17.10
C GLU A 41 19.90 1.53 17.11
N LEU A 42 18.77 1.94 16.50
CA LEU A 42 18.47 3.34 16.20
C LEU A 42 18.16 4.16 17.44
N LEU A 43 17.70 3.51 18.51
CA LEU A 43 17.27 4.20 19.73
C LEU A 43 18.46 4.85 20.45
N ARG A 44 19.66 4.26 20.31
CA ARG A 44 20.88 4.87 20.83
C ARG A 44 21.20 6.15 20.09
N GLU A 45 21.05 6.15 18.76
CA GLU A 45 21.48 7.26 17.91
C GLU A 45 20.55 8.46 18.02
N LEU A 46 19.25 8.20 18.22
CA LEU A 46 18.24 9.25 18.15
C LEU A 46 18.24 10.14 19.39
N GLN A 47 18.68 9.62 20.55
CA GLN A 47 18.76 10.41 21.76
C GLN A 47 19.90 11.45 21.71
N ARG A 48 20.94 11.19 20.89
CA ARG A 48 22.10 12.07 20.81
C ARG A 48 21.79 13.38 20.10
N LEU A 49 20.91 13.34 19.09
CA LEU A 49 20.55 14.49 18.26
C LEU A 49 19.39 15.29 18.84
N HIS A 50 19.07 15.06 20.13
CA HIS A 50 18.26 15.92 21.00
C HIS A 50 16.82 15.99 20.52
N VAL A 51 16.38 14.86 19.98
CA VAL A 51 15.05 14.75 19.41
C VAL A 51 14.11 14.31 20.53
N THR A 52 13.12 15.14 20.80
CA THR A 52 12.10 14.84 21.79
C THR A 52 11.18 13.77 21.23
N HIS A 53 11.25 12.56 21.82
CA HIS A 53 10.60 11.37 21.26
C HIS A 53 10.14 10.40 22.37
N THR A 54 9.00 9.75 22.13
CA THR A 54 8.57 8.58 22.91
C THR A 54 8.48 7.35 22.02
N VAL A 55 8.41 6.20 22.67
CA VAL A 55 8.25 4.92 21.99
C VAL A 55 6.85 4.41 22.30
N ARG A 56 6.12 4.01 21.26
CA ARG A 56 4.73 3.58 21.36
C ARG A 56 4.47 2.42 20.40
N LYS A 57 3.34 1.76 20.56
CA LYS A 57 2.92 0.77 19.58
C LYS A 57 2.16 1.47 18.48
N LEU A 58 2.62 1.32 17.23
CA LEU A 58 1.95 1.89 16.07
C LEU A 58 1.43 0.77 15.18
N HIS A 59 0.18 0.89 14.78
CA HIS A 59 -0.51 -0.18 14.06
C HIS A 59 -0.37 -0.10 12.55
N VAL A 60 -0.13 1.07 12.00
CA VAL A 60 0.33 1.22 10.62
C VAL A 60 1.58 2.10 10.65
N GLY A 61 2.54 1.78 9.81
CA GLY A 61 3.76 2.53 9.78
C GLY A 61 4.71 2.21 10.92
N ASP A 62 5.87 2.87 10.86
CA ASP A 62 6.92 2.76 11.85
C ASP A 62 7.22 4.08 12.58
N PHE A 63 6.95 5.24 11.96
CA PHE A 63 7.22 6.54 12.57
C PHE A 63 6.09 7.52 12.29
N VAL A 64 5.71 8.29 13.33
CA VAL A 64 4.57 9.21 13.36
C VAL A 64 4.90 10.34 14.35
N TRP A 65 4.36 11.55 14.12
CA TRP A 65 4.45 12.67 15.04
C TRP A 65 3.08 13.05 15.58
N VAL A 66 3.02 13.37 16.87
CA VAL A 66 1.78 13.83 17.48
C VAL A 66 1.98 15.21 18.07
N ALA A 67 0.85 15.86 18.31
CA ALA A 67 0.76 17.12 19.03
C ALA A 67 0.22 16.80 20.41
N GLN A 68 1.11 16.65 21.41
CA GLN A 68 0.65 16.43 22.78
C GLN A 68 0.02 17.67 23.39
N GLU A 69 -0.98 17.42 24.23
CA GLU A 69 -1.41 18.40 25.21
C GLU A 69 -0.29 18.57 26.23
N THR A 70 0.03 19.82 26.53
CA THR A 70 1.25 20.04 27.29
C THR A 70 1.04 20.03 28.80
N ASN A 71 -0.13 20.45 29.30
CA ASN A 71 -0.39 20.54 30.74
C ASN A 71 -1.88 20.30 30.95
N PRO A 72 -2.31 19.02 30.98
CA PRO A 72 -3.74 18.76 30.80
C PRO A 72 -4.58 18.93 32.05
N PRO A 75 -4.78 15.31 32.90
CA PRO A 75 -4.63 14.57 34.15
C PRO A 75 -3.44 13.63 34.06
N ALA A 76 -2.31 14.16 33.57
CA ALA A 76 -1.16 13.40 33.03
C ALA A 76 -1.60 12.41 31.95
N ASN A 77 -2.56 12.84 31.14
CA ASN A 77 -3.11 12.07 30.03
C ASN A 77 -3.37 13.13 28.95
N PRO A 78 -2.42 13.31 28.03
CA PRO A 78 -2.61 14.35 27.00
C PRO A 78 -3.60 13.93 25.92
N GLY A 79 -4.53 14.83 25.62
CA GLY A 79 -5.24 14.78 24.37
C GLY A 79 -4.26 15.07 23.26
N GLU A 80 -4.16 14.17 22.28
CA GLU A 80 -3.07 14.20 21.32
C GLU A 80 -3.65 14.20 19.92
N LEU A 81 -3.29 15.20 19.13
CA LEU A 81 -3.63 15.26 17.71
C LEU A 81 -2.44 14.74 16.91
N VAL A 82 -2.72 13.95 15.87
CA VAL A 82 -1.66 13.32 15.10
C VAL A 82 -1.44 14.08 13.78
N LEU A 83 -0.19 14.47 13.56
CA LEU A 83 0.22 15.23 12.38
C LEU A 83 0.09 14.40 11.12
N ASP A 84 -0.06 15.10 9.99
CA ASP A 84 -0.31 14.50 8.69
C ASP A 84 0.99 14.01 8.02
N HIS A 85 1.69 13.10 8.70
CA HIS A 85 2.97 12.57 8.24
C HIS A 85 3.19 11.17 8.80
N ILE A 86 3.45 10.21 7.92
CA ILE A 86 3.77 8.87 8.36
C ILE A 86 4.98 8.37 7.56
N VAL A 87 5.88 7.68 8.24
CA VAL A 87 7.08 7.08 7.64
C VAL A 87 6.98 5.58 7.90
N GLU A 88 7.17 4.76 6.85
CA GLU A 88 7.36 3.34 7.04
C GLU A 88 8.78 2.99 6.58
N ARG A 89 9.54 2.34 7.46
CA ARG A 89 10.91 1.95 7.17
C ARG A 89 10.96 0.45 6.90
N LYS A 90 11.20 0.08 5.64
CA LYS A 90 11.64 -1.26 5.29
C LYS A 90 13.13 -1.19 4.96
N ARG A 91 13.93 -1.93 5.72
CA ARG A 91 15.30 -2.20 5.32
C ARG A 91 15.26 -3.06 4.06
N LEU A 92 16.29 -2.89 3.22
CA LEU A 92 16.27 -3.35 1.83
C LEU A 92 16.28 -4.87 1.72
N ASP A 93 16.88 -5.54 2.70
CA ASP A 93 16.82 -6.99 2.81
C ASP A 93 15.38 -7.48 3.03
N ASP A 94 14.68 -6.87 4.00
CA ASP A 94 13.31 -7.23 4.28
C ASP A 94 12.34 -6.60 3.30
N LEU A 95 12.81 -5.65 2.51
CA LEU A 95 12.02 -5.14 1.40
C LEU A 95 11.84 -6.19 0.32
N CYS A 96 12.92 -6.89 -0.02
CA CYS A 96 12.89 -7.94 -1.03
C CYS A 96 12.08 -9.13 -0.59
N SER A 97 12.11 -9.41 0.71
CA SER A 97 11.28 -10.45 1.30
C SER A 97 9.81 -10.11 1.16
N SER A 98 9.46 -8.88 1.53
CA SER A 98 8.07 -8.43 1.62
C SER A 98 7.45 -8.22 0.26
N ILE A 99 8.26 -8.09 -0.79
CA ILE A 99 7.70 -7.95 -2.13
C ILE A 99 7.54 -9.30 -2.82
N ILE A 100 8.36 -10.30 -2.48
CA ILE A 100 8.36 -11.50 -3.28
C ILE A 100 7.28 -12.46 -2.79
N ASP A 101 6.68 -12.19 -1.63
CA ASP A 101 5.58 -13.00 -1.11
C ASP A 101 4.21 -12.33 -1.21
N GLY A 102 4.12 -11.19 -1.88
CA GLY A 102 2.87 -10.47 -2.04
C GLY A 102 2.47 -9.61 -0.85
N ARG A 103 3.32 -9.54 0.19
CA ARG A 103 3.02 -8.74 1.37
C ARG A 103 3.07 -7.25 1.12
N PHE A 104 3.79 -6.83 0.07
CA PHE A 104 4.16 -5.44 -0.15
C PHE A 104 2.98 -4.59 -0.58
N ARG A 105 2.15 -5.11 -1.48
CA ARG A 105 1.04 -4.34 -2.01
C ARG A 105 -0.05 -4.18 -0.96
N GLU A 106 -0.23 -5.18 -0.12
CA GLU A 106 -1.09 -5.07 1.05
C GLU A 106 -0.53 -4.07 2.06
N GLN A 107 0.79 -3.97 2.13
CA GLN A 107 1.44 -3.13 3.14
C GLN A 107 1.38 -1.65 2.79
N LYS A 108 1.59 -1.31 1.51
CA LYS A 108 1.48 0.08 1.08
C LYS A 108 0.06 0.56 1.09
N PHE A 109 -0.90 -0.32 0.76
CA PHE A 109 -2.31 0.02 0.71
C PHE A 109 -2.84 0.41 2.07
N ARG A 110 -2.32 -0.24 3.12
CA ARG A 110 -2.62 0.14 4.48
C ARG A 110 -2.09 1.52 4.80
N LEU A 111 -0.90 1.84 4.30
CA LEU A 111 -0.31 3.16 4.48
C LEU A 111 -1.07 4.22 3.70
N LYS A 112 -1.58 3.84 2.53
CA LYS A 112 -2.35 4.73 1.70
C LYS A 112 -3.71 5.07 2.30
N ARG A 113 -4.25 4.25 3.19
CA ARG A 113 -5.61 4.43 3.69
C ARG A 113 -5.65 4.70 5.18
N CYS A 114 -4.70 5.48 5.71
CA CYS A 114 -4.60 5.63 7.15
C CYS A 114 -5.01 7.00 7.65
N GLY A 115 -5.36 7.94 6.78
CA GLY A 115 -5.77 9.25 7.22
C GLY A 115 -4.65 10.20 7.54
N LEU A 116 -3.40 9.79 7.39
CA LEU A 116 -2.26 10.69 7.38
C LEU A 116 -1.72 10.60 5.95
N GLU A 117 -1.89 11.68 5.16
CA GLU A 117 -1.75 11.55 3.72
C GLU A 117 -0.53 12.28 3.13
N ARG A 118 0.43 12.71 3.93
CA ARG A 118 1.74 13.04 3.38
C ARG A 118 2.64 11.92 3.86
N ARG A 119 2.77 10.88 3.03
CA ARG A 119 3.33 9.61 3.47
C ARG A 119 4.70 9.39 2.85
N VAL A 120 5.66 9.01 3.69
CA VAL A 120 7.08 8.92 3.36
C VAL A 120 7.48 7.45 3.44
N TYR A 121 8.35 6.99 2.54
CA TYR A 121 8.80 5.61 2.53
C TYR A 121 10.32 5.60 2.64
N LEU A 122 10.86 5.20 3.79
CA LEU A 122 12.28 5.35 4.09
C LEU A 122 13.01 4.04 3.84
N VAL A 123 14.08 4.08 3.02
CA VAL A 123 14.77 2.86 2.56
C VAL A 123 16.23 2.87 3.01
N GLU A 124 16.60 1.94 3.91
CA GLU A 124 17.99 1.78 4.32
C GLU A 124 18.71 0.74 3.48
N GLU A 125 19.97 1.05 3.08
CA GLU A 125 20.83 0.14 2.33
C GLU A 125 21.14 -1.13 3.13
N HIS A 126 21.97 -0.99 4.18
CA HIS A 126 22.39 -2.06 5.12
C HIS A 126 23.01 -3.26 4.37
N GLY A 127 24.18 -3.01 3.80
CA GLY A 127 24.99 -4.05 3.21
C GLY A 127 25.08 -3.97 1.70
N SER A 128 25.36 -5.12 1.09
CA SER A 128 25.50 -5.24 -0.36
C SER A 128 24.14 -5.11 -1.04
N VAL A 129 24.17 -4.75 -2.32
CA VAL A 129 22.94 -4.61 -3.09
C VAL A 129 22.50 -5.93 -3.72
N HIS A 130 23.44 -6.79 -4.14
CA HIS A 130 23.07 -8.07 -4.73
C HIS A 130 23.07 -9.21 -3.71
N SER A 133 20.12 -10.58 -4.00
CA SER A 133 18.87 -11.13 -3.46
C SER A 133 17.68 -10.93 -4.40
N LEU A 134 17.58 -9.70 -4.93
CA LEU A 134 16.78 -9.30 -6.08
C LEU A 134 17.66 -8.39 -6.93
N PRO A 135 17.43 -8.33 -8.26
CA PRO A 135 18.29 -7.48 -9.09
C PRO A 135 18.03 -5.99 -8.92
N GLU A 136 19.03 -5.23 -9.40
CA GLU A 136 19.06 -3.78 -9.33
C GLU A 136 17.88 -3.16 -10.08
N SER A 137 17.57 -3.71 -11.26
CA SER A 137 16.55 -3.17 -12.17
C SER A 137 15.15 -3.25 -11.57
N THR A 138 14.83 -4.38 -10.96
CA THR A 138 13.48 -4.56 -10.45
C THR A 138 13.28 -3.88 -9.12
N LEU A 139 14.33 -3.73 -8.30
CA LEU A 139 14.17 -3.01 -7.04
C LEU A 139 14.01 -1.51 -7.25
N LEU A 140 14.76 -0.93 -8.19
CA LEU A 140 14.66 0.49 -8.48
C LEU A 140 13.31 0.83 -9.08
N GLN A 141 12.72 -0.12 -9.83
CA GLN A 141 11.44 0.10 -10.48
C GLN A 141 10.32 0.23 -9.47
N ALA A 142 10.28 -0.68 -8.50
CA ALA A 142 9.21 -0.73 -7.51
C ALA A 142 9.28 0.45 -6.54
N VAL A 143 10.49 0.92 -6.25
CA VAL A 143 10.67 2.13 -5.46
C VAL A 143 10.18 3.34 -6.25
N THR A 144 10.48 3.38 -7.54
CA THR A 144 10.01 4.49 -8.35
C THR A 144 8.53 4.36 -8.65
N ASN A 145 7.99 3.12 -8.64
CA ASN A 145 6.53 2.94 -8.66
C ASN A 145 5.90 3.48 -7.40
N THR A 146 6.53 3.25 -6.25
CA THR A 146 6.06 3.77 -4.98
C THR A 146 6.17 5.29 -4.93
N GLN A 147 7.21 5.83 -5.57
CA GLN A 147 7.38 7.27 -5.74
C GLN A 147 6.29 7.86 -6.64
N VAL A 148 6.07 7.26 -7.80
CA VAL A 148 5.14 7.85 -8.78
C VAL A 148 3.69 7.46 -8.50
N ILE A 149 3.38 6.15 -8.51
CA ILE A 149 1.99 5.68 -8.54
C ILE A 149 1.36 5.76 -7.16
N ASP A 150 2.06 5.25 -6.18
CA ASP A 150 1.53 5.17 -4.83
C ASP A 150 1.65 6.49 -4.08
N GLY A 151 2.34 7.49 -4.65
CA GLY A 151 2.34 8.81 -4.06
C GLY A 151 3.21 8.97 -2.85
N PHE A 152 4.21 8.12 -2.65
CA PHE A 152 5.00 8.23 -1.44
C PHE A 152 6.23 9.08 -1.72
N PHE A 153 6.74 9.70 -0.67
CA PHE A 153 8.04 10.34 -0.75
C PHE A 153 9.08 9.31 -0.37
N VAL A 154 10.08 9.14 -1.22
CA VAL A 154 11.16 8.20 -1.00
C VAL A 154 12.37 8.95 -0.45
N LYS A 155 12.83 8.59 0.76
CA LYS A 155 14.18 8.91 1.20
C LYS A 155 14.99 7.61 1.27
N ARG A 156 16.22 7.65 0.73
CA ARG A 156 17.16 6.54 0.71
C ARG A 156 18.34 6.92 1.61
N THR A 157 18.53 6.14 2.68
CA THR A 157 19.68 6.33 3.55
C THR A 157 20.57 5.09 3.50
N ALA A 158 21.82 5.26 3.93
CA ALA A 158 22.79 4.19 3.81
C ALA A 158 22.81 3.25 5.02
N ASP A 159 22.66 3.79 6.22
CA ASP A 159 22.71 2.95 7.39
C ASP A 159 21.61 3.37 8.35
N ILE A 160 21.73 2.84 9.55
CA ILE A 160 20.77 3.10 10.62
C ILE A 160 20.95 4.52 11.12
N LYS A 161 22.18 5.00 11.13
CA LYS A 161 22.47 6.26 11.77
C LYS A 161 22.29 7.47 10.86
N GLU A 162 22.26 7.27 9.52
CA GLU A 162 21.89 8.37 8.62
C GLU A 162 20.40 8.62 8.65
N SER A 163 19.61 7.54 8.71
CA SER A 163 18.16 7.64 8.75
C SER A 163 17.69 8.22 10.06
N ALA A 164 18.39 7.92 11.15
CA ALA A 164 18.12 8.57 12.42
C ALA A 164 18.48 10.05 12.37
N ALA A 165 19.57 10.38 11.65
CA ALA A 165 19.94 11.77 11.42
C ALA A 165 18.95 12.48 10.50
N TYR A 166 18.34 11.74 9.57
CA TYR A 166 17.28 12.26 8.72
C TYR A 166 16.03 12.59 9.50
N LEU A 167 15.59 11.65 10.33
CA LEU A 167 14.46 11.86 11.22
C LEU A 167 14.72 12.92 12.29
N ALA A 168 15.98 13.20 12.63
CA ALA A 168 16.29 14.34 13.49
C ALA A 168 15.99 15.65 12.77
N LEU A 169 16.47 15.77 11.53
CA LEU A 169 16.22 16.95 10.72
C LEU A 169 14.76 17.06 10.30
N LEU A 170 14.10 15.92 10.13
CA LEU A 170 12.69 15.91 9.78
C LEU A 170 11.82 16.32 10.95
N THR A 171 12.30 16.13 12.18
CA THR A 171 11.53 16.50 13.36
C THR A 171 11.59 18.00 13.61
N ARG A 172 12.81 18.60 13.56
CA ARG A 172 13.00 20.02 13.82
C ARG A 172 12.39 20.91 12.74
N GLY A 173 12.13 20.35 11.55
CA GLY A 173 11.35 21.08 10.56
C GLY A 173 9.87 21.14 10.92
N LEU A 174 9.32 20.03 11.43
CA LEU A 174 7.91 19.96 11.77
C LEU A 174 7.56 20.76 13.02
N GLN A 175 8.53 21.00 13.91
CA GLN A 175 8.36 21.96 14.99
C GLN A 175 8.25 23.37 14.46
N ARG A 176 9.15 23.73 13.55
CA ARG A 176 9.17 25.07 12.98
C ARG A 176 8.02 25.29 12.01
N LEU A 177 7.50 24.22 11.40
CA LEU A 177 6.40 24.35 10.45
C LEU A 177 5.06 24.58 11.14
N TYR A 178 4.92 24.15 12.39
CA TYR A 178 3.67 24.28 13.13
C TYR A 178 3.71 25.34 14.21
N GLN A 179 4.72 26.20 14.20
CA GLN A 179 4.89 27.23 15.23
C GLN A 179 3.85 28.33 15.06
N GLY A 180 3.01 28.51 16.07
CA GLY A 180 1.99 29.54 16.05
C GLY A 180 0.73 29.22 15.27
N HIS A 181 0.58 27.99 14.78
CA HIS A 181 -0.67 27.53 14.21
C HIS A 181 -1.56 26.91 15.29
N THR A 182 -2.87 27.03 15.08
CA THR A 182 -3.89 26.59 16.03
C THR A 182 -4.57 25.33 15.50
N LEU A 183 -4.61 24.28 16.34
CA LEU A 183 -4.87 22.91 15.90
C LEU A 183 -6.16 22.36 16.50
N ARG A 184 -6.96 21.68 15.67
CA ARG A 184 -8.29 21.21 16.06
C ARG A 184 -8.43 19.72 15.68
N SER A 185 -9.58 19.11 16.03
CA SER A 185 -9.71 17.64 16.06
C SER A 185 -10.79 17.15 15.10
N ARG A 186 -10.38 16.44 14.04
CA ARG A 186 -11.27 15.82 13.08
C ARG A 186 -11.90 14.52 13.61
N PRO A 187 -13.03 14.10 13.04
CA PRO A 187 -13.50 12.71 13.18
C PRO A 187 -12.78 11.82 12.18
N TRP A 188 -13.09 10.52 12.25
CA TRP A 188 -12.54 9.57 11.30
C TRP A 188 -13.10 9.77 9.89
N GLY A 189 -14.32 10.30 9.78
CA GLY A 189 -14.75 10.90 8.52
C GLY A 189 -13.98 12.19 8.25
N THR A 190 -13.41 12.30 7.05
CA THR A 190 -12.23 13.13 6.73
C THR A 190 -12.31 14.63 6.94
N PRO A 202 0.37 24.42 -1.19
CA PRO A 202 -0.21 23.64 -0.08
C PRO A 202 -0.53 24.49 1.15
N ASN A 203 -0.78 23.82 2.28
CA ASN A 203 -0.95 24.41 3.60
C ASN A 203 -0.34 23.51 4.67
N PRO A 204 0.27 24.10 5.73
CA PRO A 204 0.62 23.31 6.93
C PRO A 204 -0.62 22.82 7.65
N LEU A 205 -0.91 21.52 7.62
CA LEU A 205 -2.26 21.03 7.84
C LEU A 205 -2.61 20.98 9.33
N CYS A 206 -3.54 21.84 9.75
CA CYS A 206 -4.25 21.75 11.01
C CYS A 206 -5.63 21.10 10.74
N SER A 207 -6.45 20.95 11.79
CA SER A 207 -7.63 20.06 11.82
C SER A 207 -7.22 18.63 11.49
N LEU A 208 -6.60 17.99 12.47
CA LEU A 208 -6.00 16.67 12.38
C LEU A 208 -6.86 15.64 13.10
N LEU A 209 -6.57 14.37 12.82
CA LEU A 209 -7.10 13.28 13.63
C LEU A 209 -6.48 13.29 15.02
N THR A 210 -7.20 12.72 15.97
CA THR A 210 -6.58 12.46 17.25
C THR A 210 -5.94 11.09 17.23
N PHE A 211 -4.99 10.90 18.15
CA PHE A 211 -4.22 9.66 18.20
C PHE A 211 -5.06 8.48 18.67
N SER A 212 -6.13 8.76 19.43
CA SER A 212 -7.13 7.74 19.72
C SER A 212 -7.82 7.27 18.45
N ASP A 213 -8.27 8.22 17.62
CA ASP A 213 -8.92 7.89 16.35
C ASP A 213 -7.95 7.30 15.33
N PHE A 214 -6.65 7.55 15.48
CA PHE A 214 -5.73 7.08 14.46
C PHE A 214 -5.40 5.60 14.60
N ASN A 215 -5.00 5.19 15.81
CA ASN A 215 -4.64 3.80 16.08
C ASN A 215 -5.80 2.85 15.88
N ALA A 216 -6.94 3.17 16.47
CA ALA A 216 -8.12 2.33 16.38
C ALA A 216 -8.68 2.33 14.96
N GLY A 217 -8.50 3.44 14.24
CA GLY A 217 -8.79 3.46 12.82
C GLY A 217 -7.84 2.59 12.03
N ALA A 218 -6.57 2.58 12.43
CA ALA A 218 -5.61 1.69 11.80
C ALA A 218 -5.79 0.24 12.21
N ILE A 219 -6.39 -0.01 13.38
CA ILE A 219 -6.70 -1.38 13.80
C ILE A 219 -7.69 -2.01 12.84
N LYS A 220 -8.78 -1.32 12.58
CA LYS A 220 -9.83 -1.96 11.82
C LYS A 220 -9.67 -1.82 10.31
N ASN A 221 -8.63 -1.12 9.83
CA ASN A 221 -8.26 -1.25 8.42
C ASN A 221 -7.71 -2.63 8.12
N LYS A 222 -6.80 -3.11 8.96
CA LYS A 222 -6.20 -4.41 8.73
C LYS A 222 -6.96 -5.55 9.38
N ALA A 223 -7.97 -5.26 10.18
CA ALA A 223 -8.70 -6.30 10.87
C ALA A 223 -9.63 -7.01 9.91
N GLN A 224 -9.58 -8.33 9.95
CA GLN A 224 -10.32 -9.13 9.01
C GLN A 224 -11.68 -9.35 9.64
N SER A 225 -12.73 -8.90 8.96
CA SER A 225 -14.08 -9.09 9.46
C SER A 225 -14.66 -10.34 8.81
N VAL A 226 -15.81 -10.77 9.34
CA VAL A 226 -16.54 -11.93 8.82
C VAL A 226 -17.02 -11.67 7.40
N ARG A 227 -17.53 -10.46 7.16
CA ARG A 227 -18.02 -10.01 5.86
C ARG A 227 -16.91 -9.95 4.82
N GLU A 228 -15.71 -9.51 5.23
CA GLU A 228 -14.55 -9.43 4.34
C GLU A 228 -14.11 -10.80 3.82
N VAL A 229 -14.11 -11.82 4.69
CA VAL A 229 -13.69 -13.15 4.29
C VAL A 229 -14.72 -13.81 3.41
N PHE A 230 -16.00 -13.67 3.79
CA PHE A 230 -17.10 -14.33 3.12
C PHE A 230 -17.32 -13.79 1.72
N ALA A 231 -17.05 -12.50 1.54
CA ALA A 231 -16.96 -11.91 0.21
C ALA A 231 -15.77 -12.46 -0.57
N ARG A 232 -14.58 -12.47 0.06
CA ARG A 232 -13.38 -13.05 -0.54
C ARG A 232 -13.51 -14.54 -0.83
N GLN A 233 -14.25 -15.28 0.02
CA GLN A 233 -14.43 -16.71 -0.22
C GLN A 233 -15.34 -16.99 -1.41
N LEU A 234 -16.35 -16.13 -1.60
CA LEU A 234 -17.33 -16.30 -2.67
C LEU A 234 -16.69 -16.14 -4.04
N MET A 235 -15.70 -15.26 -4.15
CA MET A 235 -14.99 -15.11 -5.42
C MET A 235 -13.80 -16.05 -5.58
N GLN A 236 -13.84 -17.20 -4.94
CA GLN A 236 -12.96 -18.27 -5.35
C GLN A 236 -13.61 -19.16 -6.41
N VAL A 237 -14.83 -18.84 -6.82
CA VAL A 237 -15.52 -19.60 -7.86
C VAL A 237 -15.38 -18.81 -9.15
N ARG A 238 -15.02 -19.54 -10.24
CA ARG A 238 -15.14 -19.07 -11.62
C ARG A 238 -16.52 -18.49 -11.87
N GLY A 239 -16.53 -17.23 -12.25
CA GLY A 239 -17.75 -16.54 -12.52
C GLY A 239 -18.23 -15.63 -11.42
N VAL A 240 -17.50 -15.50 -10.31
CA VAL A 240 -17.95 -14.67 -9.19
C VAL A 240 -17.05 -13.45 -9.08
N SER A 241 -17.65 -12.26 -9.16
CA SER A 241 -16.95 -10.99 -9.32
C SER A 241 -17.35 -10.03 -8.19
N GLY A 242 -16.74 -8.84 -8.23
CA GLY A 242 -16.80 -7.91 -7.11
C GLY A 242 -18.15 -7.28 -6.88
N GLU A 243 -18.82 -6.87 -7.97
CA GLU A 243 -20.21 -6.44 -7.89
C GLU A 243 -21.13 -7.62 -7.62
N LYS A 244 -20.74 -8.81 -8.08
CA LYS A 244 -21.54 -10.00 -7.84
C LYS A 244 -21.47 -10.45 -6.38
N ALA A 245 -20.25 -10.49 -5.80
CA ALA A 245 -20.09 -11.03 -4.46
C ALA A 245 -20.61 -10.08 -3.40
N ALA A 246 -20.48 -8.77 -3.61
CA ALA A 246 -21.04 -7.80 -2.69
C ALA A 246 -22.57 -7.75 -2.76
N ALA A 247 -23.16 -8.22 -3.86
CA ALA A 247 -24.61 -8.34 -3.92
C ALA A 247 -25.10 -9.49 -3.03
N LEU A 248 -24.37 -10.61 -3.06
CA LEU A 248 -24.66 -11.77 -2.22
C LEU A 248 -24.44 -11.44 -0.76
N VAL A 249 -23.39 -10.68 -0.49
CA VAL A 249 -23.11 -10.18 0.84
C VAL A 249 -24.15 -9.14 1.27
N ASP A 250 -24.70 -8.35 0.34
CA ASP A 250 -25.82 -7.45 0.67
C ASP A 250 -27.08 -8.23 1.05
N ARG A 251 -27.32 -9.35 0.39
CA ARG A 251 -28.50 -10.15 0.73
C ARG A 251 -28.25 -11.00 1.97
N TYR A 252 -27.10 -11.66 2.06
CA TYR A 252 -26.77 -12.51 3.21
C TYR A 252 -25.40 -12.03 3.73
N SER A 253 -25.43 -11.32 4.86
CA SER A 253 -24.25 -10.62 5.36
C SER A 253 -23.25 -11.54 6.04
N THR A 254 -23.70 -12.67 6.55
CA THR A 254 -22.94 -13.65 7.29
C THR A 254 -23.15 -15.02 6.66
N PRO A 255 -22.15 -15.92 6.73
CA PRO A 255 -22.32 -17.24 6.10
C PRO A 255 -23.32 -18.14 6.79
N ALA A 256 -23.68 -17.86 8.05
CA ALA A 256 -24.77 -18.60 8.69
C ALA A 256 -26.10 -18.36 8.01
N SER A 257 -26.35 -17.14 7.57
CA SER A 257 -27.60 -16.76 6.92
C SER A 257 -27.73 -17.33 5.50
N LEU A 258 -26.62 -17.51 4.76
CA LEU A 258 -26.72 -18.20 3.47
C LEU A 258 -27.02 -19.68 3.66
N LEU A 259 -26.47 -20.28 4.71
CA LEU A 259 -26.74 -21.68 4.99
C LEU A 259 -28.15 -21.86 5.51
N ALA A 260 -28.64 -20.90 6.29
CA ALA A 260 -29.96 -21.01 6.87
C ALA A 260 -31.06 -20.75 5.85
N ALA A 261 -30.77 -19.91 4.85
CA ALA A 261 -31.67 -19.74 3.71
C ALA A 261 -31.77 -21.03 2.91
N TYR A 262 -30.63 -21.70 2.75
CA TYR A 262 -30.60 -23.04 2.18
C TYR A 262 -31.32 -24.06 3.06
N ASP A 263 -31.27 -23.88 4.39
CA ASP A 263 -31.93 -24.80 5.34
C ASP A 263 -33.45 -24.77 5.21
N ALA A 264 -34.01 -23.58 4.99
CA ALA A 264 -35.46 -23.39 5.11
C ALA A 264 -36.23 -23.74 3.84
N CYS A 265 -35.63 -23.56 2.67
CA CYS A 265 -36.26 -23.92 1.41
C CYS A 265 -36.32 -25.43 1.25
N ALA A 266 -37.46 -25.93 0.77
CA ALA A 266 -37.84 -27.33 1.02
C ALA A 266 -37.20 -28.30 0.04
N THR A 267 -37.54 -28.18 -1.26
CA THR A 267 -37.03 -29.07 -2.30
C THR A 267 -35.64 -28.59 -2.75
N PRO A 268 -34.80 -29.50 -3.26
CA PRO A 268 -33.47 -29.06 -3.76
C PRO A 268 -33.49 -28.20 -5.04
N LYS A 269 -34.63 -28.10 -5.75
CA LYS A 269 -34.70 -27.19 -6.88
C LYS A 269 -34.69 -25.74 -6.43
N GLU A 270 -35.22 -25.48 -5.23
CA GLU A 270 -35.24 -24.13 -4.67
C GLU A 270 -33.84 -23.65 -4.32
N GLN A 271 -33.03 -24.53 -3.72
CA GLN A 271 -31.70 -24.13 -3.29
C GLN A 271 -30.77 -23.98 -4.48
N GLU A 272 -31.02 -24.75 -5.53
CA GLU A 272 -30.33 -24.63 -6.81
C GLU A 272 -30.70 -23.34 -7.53
N THR A 273 -31.85 -22.76 -7.20
CA THR A 273 -32.31 -21.53 -7.83
C THR A 273 -32.52 -20.41 -6.83
N LEU A 274 -31.82 -20.45 -5.69
CA LEU A 274 -32.06 -19.48 -4.62
C LEU A 274 -31.52 -18.11 -4.99
N LEU A 275 -30.38 -18.06 -5.67
CA LEU A 275 -29.57 -16.86 -5.67
C LEU A 275 -29.65 -16.06 -6.95
N SER A 276 -30.50 -16.46 -7.92
CA SER A 276 -30.45 -15.88 -9.26
C SER A 276 -31.00 -14.46 -9.30
N THR A 277 -31.83 -14.11 -8.30
CA THR A 277 -32.55 -12.84 -8.21
C THR A 277 -31.88 -11.83 -7.26
N ILE A 278 -30.55 -11.80 -7.24
CA ILE A 278 -29.82 -10.81 -6.46
C ILE A 278 -29.68 -9.51 -7.26
N LYS A 279 -29.40 -8.41 -6.56
CA LYS A 279 -29.17 -7.12 -7.23
C LYS A 279 -27.72 -7.08 -7.78
N CYS A 280 -27.53 -7.76 -8.91
CA CYS A 280 -26.21 -8.08 -9.45
C CYS A 280 -25.70 -6.95 -10.36
N GLY A 281 -24.80 -6.13 -9.83
CA GLY A 281 -24.02 -5.20 -10.62
C GLY A 281 -24.22 -3.74 -10.21
N ARG A 282 -23.50 -2.87 -10.93
CA ARG A 282 -23.85 -1.45 -11.00
C ARG A 282 -25.19 -1.27 -11.72
N LEU A 283 -25.39 -2.06 -12.78
CA LEU A 283 -26.60 -2.05 -13.59
C LEU A 283 -27.84 -2.52 -12.85
N GLN A 284 -27.68 -3.29 -11.77
CA GLN A 284 -28.68 -4.20 -11.18
C GLN A 284 -29.33 -5.07 -12.24
N GLY A 288 -27.43 -14.33 -12.33
CA GLY A 288 -26.97 -15.63 -12.80
C GLY A 288 -27.89 -16.79 -12.47
N PRO A 289 -28.56 -17.37 -13.48
CA PRO A 289 -29.56 -18.41 -13.16
C PRO A 289 -28.96 -19.78 -12.89
N ALA A 290 -27.96 -20.19 -13.66
CA ALA A 290 -27.28 -21.45 -13.43
C ALA A 290 -26.08 -21.29 -12.52
N LEU A 291 -25.80 -20.07 -12.08
CA LEU A 291 -24.71 -19.85 -11.15
C LEU A 291 -25.19 -19.92 -9.70
N SER A 292 -26.51 -19.76 -9.46
CA SER A 292 -27.14 -20.13 -8.19
C SER A 292 -27.04 -21.63 -7.93
N ARG A 293 -26.98 -22.42 -9.00
CA ARG A 293 -26.80 -23.86 -8.94
C ARG A 293 -25.46 -24.25 -8.35
N THR A 294 -24.37 -23.65 -8.84
CA THR A 294 -23.06 -24.15 -8.43
C THR A 294 -22.64 -23.69 -7.04
N LEU A 295 -23.19 -22.59 -6.52
CA LEU A 295 -22.93 -22.26 -5.12
C LEU A 295 -23.73 -23.15 -4.18
N SER A 296 -24.89 -23.62 -4.61
CA SER A 296 -25.65 -24.56 -3.80
C SER A 296 -24.98 -25.93 -3.79
N GLN A 297 -24.26 -26.26 -4.84
CA GLN A 297 -23.43 -27.46 -4.83
C GLN A 297 -22.30 -27.36 -3.81
N LEU A 298 -21.74 -26.16 -3.62
CA LEU A 298 -20.80 -25.94 -2.53
C LEU A 298 -21.51 -25.97 -1.18
N TYR A 299 -22.62 -25.26 -1.07
CA TYR A 299 -23.12 -24.96 0.25
C TYR A 299 -24.35 -25.76 0.65
N CYS A 300 -24.78 -26.75 -0.13
CA CYS A 300 -25.82 -27.66 0.38
C CYS A 300 -25.39 -29.11 0.36
N SER A 301 -24.25 -29.44 -0.24
CA SER A 301 -23.88 -30.84 -0.34
C SER A 301 -23.32 -31.30 0.99
N TYR A 302 -23.92 -32.33 1.54
CA TYR A 302 -23.39 -32.93 2.75
C TYR A 302 -22.46 -34.07 2.42
N GLY A 303 -22.34 -34.44 1.15
CA GLY A 303 -21.27 -35.28 0.70
C GLY A 303 -20.01 -34.45 0.58
N PRO A 304 -18.85 -35.10 0.54
CA PRO A 304 -17.61 -34.40 0.19
C PRO A 304 -17.60 -33.87 -1.24
N LEU A 305 -16.84 -32.81 -1.44
CA LEU A 305 -16.64 -32.22 -2.76
C LEU A 305 -15.47 -32.90 -3.47
N THR A 306 -15.27 -32.53 -4.74
CA THR A 306 -14.35 -33.29 -5.58
C THR A 306 -13.37 -32.44 -6.41
N ALA B 63 -16.66 -6.01 -27.32
CA ALA B 63 -15.95 -4.97 -26.58
C ALA B 63 -14.79 -5.54 -25.74
N LEU B 64 -13.62 -5.74 -26.39
CA LEU B 64 -12.43 -6.26 -25.72
C LEU B 64 -11.75 -5.20 -24.84
N ARG B 65 -11.29 -4.11 -25.47
CA ARG B 65 -11.06 -2.79 -24.86
C ARG B 65 -9.90 -2.76 -23.86
N LEU B 66 -8.73 -3.28 -24.26
CA LEU B 66 -7.63 -3.48 -23.31
C LEU B 66 -6.48 -2.48 -23.51
N LEU B 67 -6.03 -1.87 -22.41
CA LEU B 67 -4.86 -0.98 -22.39
C LEU B 67 -3.88 -1.39 -21.30
N ARG B 68 -2.92 -2.22 -21.70
CA ARG B 68 -1.83 -2.72 -20.88
C ARG B 68 -0.81 -1.60 -20.69
N PRO B 69 0.11 -1.75 -19.73
CA PRO B 69 1.35 -0.95 -19.73
C PRO B 69 2.16 -0.94 -21.03
N GLU B 70 2.24 -2.06 -21.75
CA GLU B 70 3.04 -2.06 -22.97
C GLU B 70 2.35 -1.38 -24.16
N GLN B 71 1.05 -1.10 -24.07
CA GLN B 71 0.34 -0.40 -25.13
C GLN B 71 -0.10 0.99 -24.74
N VAL B 72 0.27 1.48 -23.57
CA VAL B 72 0.15 2.89 -23.27
C VAL B 72 1.49 3.54 -23.06
N LEU B 73 2.56 2.76 -23.01
CA LEU B 73 3.91 3.31 -23.15
C LEU B 73 4.13 3.84 -24.56
N LYS B 74 3.44 3.28 -25.56
CA LYS B 74 3.32 3.90 -26.87
C LYS B 74 2.69 5.29 -26.79
N ARG B 75 1.72 5.47 -25.89
CA ARG B 75 1.09 6.78 -25.69
C ARG B 75 1.85 7.65 -24.69
N LEU B 76 2.90 7.11 -24.06
CA LEU B 76 3.81 7.90 -23.23
C LEU B 76 4.77 8.69 -24.10
N ALA B 77 5.02 9.94 -23.71
CA ALA B 77 5.96 10.77 -24.45
C ALA B 77 6.82 11.58 -23.49
N VAL B 78 8.13 11.60 -23.75
CA VAL B 78 9.09 12.27 -22.89
C VAL B 78 9.67 13.41 -23.68
N CYS B 79 9.42 14.62 -23.20
CA CYS B 79 9.79 15.83 -23.93
C CYS B 79 10.98 16.43 -23.23
N VAL B 80 12.13 16.43 -23.89
CA VAL B 80 13.40 16.77 -23.28
C VAL B 80 13.96 18.02 -23.95
N ASP B 81 14.38 19.00 -23.14
CA ASP B 81 14.84 20.31 -23.61
C ASP B 81 16.11 20.17 -24.42
N THR B 82 16.28 21.06 -25.39
CA THR B 82 17.44 20.97 -26.28
C THR B 82 18.74 21.36 -25.58
N ALA B 83 18.68 22.16 -24.50
CA ALA B 83 19.89 22.56 -23.80
C ALA B 83 20.45 21.47 -22.91
N ILE B 84 19.75 20.34 -22.76
CA ILE B 84 20.29 19.12 -22.17
C ILE B 84 21.52 18.66 -22.93
N LEU B 85 21.49 18.82 -24.25
CA LEU B 85 22.47 18.30 -25.19
C LEU B 85 23.81 19.00 -25.15
N GLU B 86 23.96 20.10 -24.41
CA GLU B 86 25.25 20.78 -24.38
C GLU B 86 26.27 20.06 -23.51
N ASP B 87 25.85 19.07 -22.75
CA ASP B 87 26.70 18.02 -22.21
C ASP B 87 26.59 16.85 -23.17
N ALA B 88 27.73 16.36 -23.67
CA ALA B 88 27.75 15.29 -24.66
C ALA B 88 27.50 13.91 -24.04
N GLY B 89 27.49 13.80 -22.71
CA GLY B 89 27.03 12.62 -22.00
C GLY B 89 25.54 12.48 -21.87
N ALA B 90 24.77 13.45 -22.37
CA ALA B 90 23.32 13.38 -22.34
C ALA B 90 22.73 12.39 -23.32
N ASP B 91 23.53 11.97 -24.34
CA ASP B 91 23.13 11.01 -25.37
C ASP B 91 22.79 9.63 -24.80
N VAL B 92 23.33 9.32 -23.61
CA VAL B 92 23.07 8.11 -22.84
C VAL B 92 21.58 7.97 -22.49
N LEU B 93 20.91 9.09 -22.18
CA LEU B 93 19.45 9.11 -22.02
C LEU B 93 18.73 8.68 -23.28
N MET B 94 19.11 9.31 -24.41
CA MET B 94 18.47 9.08 -25.71
C MET B 94 18.70 7.66 -26.20
N GLU B 95 19.92 7.15 -25.98
CA GLU B 95 20.27 5.74 -26.18
C GLU B 95 19.39 4.81 -25.40
N ALA B 96 19.03 5.20 -24.19
CA ALA B 96 18.26 4.33 -23.35
C ALA B 96 16.76 4.54 -23.50
N LEU B 97 16.30 5.75 -23.78
CA LEU B 97 14.86 5.93 -23.86
C LEU B 97 14.32 5.85 -25.27
N GLU B 98 15.17 5.55 -26.24
CA GLU B 98 14.64 5.07 -27.51
C GLU B 98 14.47 3.56 -27.52
N ALA B 99 15.23 2.85 -26.68
CA ALA B 99 15.09 1.41 -26.56
C ALA B 99 13.77 1.04 -25.91
N LEU B 100 13.39 1.76 -24.85
CA LEU B 100 12.01 1.82 -24.41
C LEU B 100 11.17 2.42 -25.53
N GLY B 101 9.98 1.89 -25.72
CA GLY B 101 9.20 2.37 -26.84
C GLY B 101 8.39 3.64 -26.63
N CYS B 102 8.74 4.48 -25.66
CA CYS B 102 8.04 5.73 -25.49
C CYS B 102 8.48 6.73 -26.56
N GLU B 103 7.64 7.74 -26.78
CA GLU B 103 7.94 8.79 -27.73
C GLU B 103 8.97 9.76 -27.15
N CYS B 104 9.98 10.08 -27.94
CA CYS B 104 10.98 11.08 -27.56
C CYS B 104 10.67 12.37 -28.31
N ARG B 105 10.69 13.49 -27.59
CA ARG B 105 10.55 14.81 -28.17
C ARG B 105 11.74 15.63 -27.71
N ILE B 106 12.58 16.05 -28.65
CA ILE B 106 13.68 16.96 -28.33
C ILE B 106 13.26 18.31 -28.87
N GLU B 107 12.79 19.17 -27.98
CA GLU B 107 12.09 20.42 -28.27
C GLU B 107 12.21 21.30 -27.02
N PRO B 108 12.16 22.64 -27.15
CA PRO B 108 12.47 23.47 -25.97
C PRO B 108 11.32 23.55 -24.97
N GLN B 109 11.69 23.56 -23.69
CA GLN B 109 10.81 23.21 -22.58
C GLN B 109 10.52 24.36 -21.65
N ARG B 110 9.38 24.19 -20.95
CA ARG B 110 8.75 25.24 -20.15
C ARG B 110 9.57 25.74 -18.96
N PRO B 111 10.28 24.92 -18.15
CA PRO B 111 11.58 25.41 -17.68
C PRO B 111 12.70 24.89 -18.59
N ALA B 112 13.73 25.68 -18.82
CA ALA B 112 14.82 25.23 -19.66
C ALA B 112 15.74 24.31 -18.88
N ARG B 113 16.42 23.45 -19.63
CA ARG B 113 17.25 22.33 -19.17
C ARG B 113 16.44 21.46 -18.19
N SER B 114 15.35 20.94 -18.72
CA SER B 114 14.40 20.16 -17.95
C SER B 114 13.79 19.13 -18.88
N LEU B 115 13.11 18.14 -18.30
CA LEU B 115 12.35 17.25 -19.15
C LEU B 115 11.04 16.86 -18.49
N ARG B 116 10.01 16.70 -19.31
CA ARG B 116 8.69 16.40 -18.80
C ARG B 116 8.08 15.21 -19.54
N TRP B 117 7.09 14.64 -18.90
CA TRP B 117 6.41 13.45 -19.39
C TRP B 117 5.03 13.81 -19.91
N THR B 118 4.54 13.01 -20.87
CA THR B 118 3.29 13.29 -21.56
C THR B 118 2.58 11.98 -21.86
N ARG B 119 1.40 11.83 -21.30
CA ARG B 119 0.52 10.70 -21.55
C ARG B 119 -0.76 11.25 -22.16
N ALA B 120 -1.12 10.80 -23.36
CA ALA B 120 -2.36 11.20 -23.99
C ALA B 120 -3.21 9.96 -24.31
N SER B 121 -4.53 10.18 -24.37
CA SER B 121 -5.53 9.13 -24.59
C SER B 121 -5.41 8.53 -25.99
N PRO B 122 -5.68 7.21 -26.16
CA PRO B 122 -5.43 6.56 -27.46
C PRO B 122 -6.41 6.98 -28.55
N ASP B 123 -5.99 6.74 -29.81
CA ASP B 123 -6.57 7.35 -31.02
C ASP B 123 -8.00 6.94 -31.39
N PRO B 124 -8.46 5.68 -31.27
CA PRO B 124 -9.91 5.47 -31.45
C PRO B 124 -10.77 6.02 -30.32
N CYS B 125 -10.34 5.87 -29.05
CA CYS B 125 -10.91 6.46 -27.82
C CYS B 125 -12.40 6.18 -27.55
N PRO B 126 -12.77 5.03 -26.91
CA PRO B 126 -14.13 4.47 -26.64
C PRO B 126 -15.29 5.41 -26.32
N PRO B 130 -17.06 1.81 -22.49
CA PRO B 130 -16.29 3.06 -22.50
C PRO B 130 -16.20 3.73 -21.13
N PRO B 131 -15.12 3.47 -20.39
CA PRO B 131 -14.88 4.23 -19.14
C PRO B 131 -14.42 5.68 -19.36
N GLU B 132 -14.09 6.36 -18.27
CA GLU B 132 -14.06 7.83 -18.27
C GLU B 132 -12.67 8.45 -18.09
N VAL B 133 -11.79 7.84 -17.30
CA VAL B 133 -10.49 8.41 -16.98
C VAL B 133 -9.40 7.47 -17.48
N TRP B 134 -8.51 7.99 -18.34
CA TRP B 134 -7.26 7.36 -18.75
C TRP B 134 -6.05 7.95 -18.04
N ALA B 135 -6.26 8.97 -17.21
CA ALA B 135 -5.25 9.86 -16.58
C ALA B 135 -4.30 10.47 -17.62
N ALA B 136 -4.88 11.27 -18.52
CA ALA B 136 -4.14 11.97 -19.56
C ALA B 136 -3.79 13.38 -19.11
N GLY B 137 -2.72 13.93 -19.72
CA GLY B 137 -2.07 15.15 -19.29
C GLY B 137 -0.59 14.89 -19.05
N GLU B 138 0.06 15.85 -18.39
CA GLU B 138 1.52 15.85 -18.25
C GLU B 138 1.98 14.94 -17.12
N GLN B 139 1.61 15.30 -15.88
CA GLN B 139 1.61 14.47 -14.68
C GLN B 139 3.01 14.19 -14.10
N GLU B 140 4.13 14.49 -14.81
CA GLU B 140 5.50 14.54 -14.26
C GLU B 140 6.45 15.43 -15.06
N LEU B 141 7.42 16.03 -14.34
CA LEU B 141 8.38 16.99 -14.92
C LEU B 141 9.65 17.04 -14.07
N LEU B 142 10.77 16.59 -14.64
CA LEU B 142 12.05 16.67 -13.97
C LEU B 142 12.81 17.89 -14.46
N LEU B 143 13.16 18.77 -13.54
CA LEU B 143 14.00 19.92 -13.84
C LEU B 143 15.42 19.61 -13.40
N LEU B 144 16.33 19.55 -14.37
CA LEU B 144 17.73 19.20 -14.11
C LEU B 144 18.52 20.45 -13.76
N LEU B 145 19.44 20.34 -12.79
CA LEU B 145 20.18 21.49 -12.29
C LEU B 145 21.68 21.26 -12.27
N GLU B 146 22.41 22.33 -12.59
CA GLU B 146 23.84 22.40 -12.31
C GLU B 146 24.04 22.42 -10.80
N PRO B 147 25.13 21.81 -10.31
CA PRO B 147 25.38 21.81 -8.85
C PRO B 147 25.59 23.19 -8.21
N GLU B 148 26.14 24.17 -8.94
CA GLU B 148 26.31 25.47 -8.31
C GLU B 148 25.00 26.25 -8.31
N GLU B 149 24.15 25.99 -9.31
CA GLU B 149 22.79 26.53 -9.32
C GLU B 149 21.97 25.93 -8.20
N PHE B 150 22.23 24.65 -7.89
CA PHE B 150 21.63 23.96 -6.76
C PHE B 150 22.10 24.55 -5.43
N LEU B 151 23.40 24.77 -5.28
CA LEU B 151 23.99 25.29 -4.05
C LEU B 151 23.61 26.76 -3.76
N GLN B 152 23.20 27.52 -4.79
CA GLN B 152 22.58 28.82 -4.58
C GLN B 152 21.31 28.68 -3.75
N GLY B 153 20.42 27.77 -4.15
CA GLY B 153 19.14 27.59 -3.46
C GLY B 153 19.27 26.91 -2.11
N VAL B 154 20.36 26.19 -1.87
CA VAL B 154 20.66 25.72 -0.52
C VAL B 154 20.99 26.91 0.37
N ALA B 155 21.78 27.85 -0.16
CA ALA B 155 22.07 29.08 0.56
C ALA B 155 20.86 30.01 0.69
N THR B 156 19.88 29.90 -0.22
CA THR B 156 18.60 30.59 -0.09
C THR B 156 17.78 30.03 1.07
N LEU B 157 17.83 28.72 1.28
CA LEU B 157 17.05 28.07 2.32
C LEU B 157 17.76 28.05 3.69
N THR B 158 18.85 28.81 3.85
CA THR B 158 19.35 29.19 5.18
C THR B 158 18.38 30.13 5.89
N GLN B 159 17.97 31.21 5.23
CA GLN B 159 17.01 32.17 5.79
C GLN B 159 15.58 31.91 5.28
N TRP B 169 13.50 27.58 -3.47
CA TRP B 169 12.68 28.38 -4.36
C TRP B 169 13.18 28.36 -5.78
N ILE B 170 13.50 27.15 -6.26
CA ILE B 170 13.88 26.95 -7.67
C ILE B 170 12.64 26.82 -8.56
N SER B 171 11.42 26.88 -7.96
CA SER B 171 10.12 26.60 -8.55
C SER B 171 9.57 27.80 -9.34
N PRO B 172 9.12 27.59 -10.57
CA PRO B 172 7.91 28.24 -11.06
C PRO B 172 6.70 27.39 -10.65
N GLU B 173 5.52 27.76 -11.12
CA GLU B 173 4.32 26.94 -10.91
C GLU B 173 3.79 26.52 -12.29
N THR B 174 4.01 25.25 -12.65
CA THR B 174 3.42 24.67 -13.83
C THR B 174 2.55 23.47 -13.42
N THR B 175 2.09 22.73 -14.43
CA THR B 175 0.91 21.89 -14.28
C THR B 175 1.19 20.52 -13.66
N ALA B 176 2.38 19.93 -13.87
CA ALA B 176 2.68 18.54 -13.53
C ALA B 176 3.40 18.41 -12.17
N ARG B 177 3.71 17.17 -11.77
CA ARG B 177 4.34 16.98 -10.47
C ARG B 177 5.84 17.26 -10.57
N PRO B 178 6.37 18.19 -9.77
CA PRO B 178 7.71 18.71 -10.01
C PRO B 178 8.79 17.81 -9.42
N HIS B 179 9.98 17.94 -9.98
CA HIS B 179 11.09 17.07 -9.64
C HIS B 179 12.40 17.77 -9.94
N LEU B 180 13.39 17.47 -9.12
CA LEU B 180 14.72 17.96 -9.35
C LEU B 180 15.70 16.81 -9.46
N ALA B 181 16.76 17.04 -10.24
CA ALA B 181 17.92 16.18 -10.24
C ALA B 181 19.16 17.06 -10.33
N VAL B 182 20.27 16.56 -9.77
CA VAL B 182 21.60 17.14 -9.88
C VAL B 182 22.57 16.01 -10.14
N ILE B 183 23.36 16.13 -11.21
CA ILE B 183 24.34 15.11 -11.53
C ILE B 183 25.67 15.51 -10.89
N GLY B 184 26.30 14.56 -10.23
CA GLY B 184 27.68 14.68 -9.79
C GLY B 184 27.94 15.67 -8.69
N LEU B 185 27.12 15.63 -7.65
CA LEU B 185 27.24 16.64 -6.60
C LEU B 185 28.45 16.38 -5.70
N ASP B 186 28.71 15.13 -5.32
CA ASP B 186 29.73 14.90 -4.30
C ASP B 186 31.14 14.97 -4.88
N ALA B 187 31.27 14.85 -6.19
CA ALA B 187 32.50 15.27 -6.83
C ALA B 187 32.65 16.79 -6.79
N TYR B 188 31.55 17.54 -6.95
CA TYR B 188 31.61 19.00 -7.05
C TYR B 188 31.94 19.67 -5.71
N LEU B 189 31.31 19.22 -4.61
CA LEU B 189 31.61 19.80 -3.30
C LEU B 189 32.98 19.42 -2.77
N TRP B 190 33.59 18.34 -3.30
CA TRP B 190 34.95 18.00 -2.90
C TRP B 190 35.96 18.99 -3.47
N SER B 191 35.89 19.25 -4.78
CA SER B 191 36.90 20.07 -5.43
C SER B 191 36.76 21.56 -5.13
N ARG B 192 35.58 22.00 -4.67
CA ARG B 192 35.36 23.39 -4.25
C ARG B 192 35.57 23.59 -2.75
N GLN B 193 35.03 22.71 -1.91
CA GLN B 193 35.09 22.93 -0.46
C GLN B 193 36.07 22.02 0.28
N HIS B 194 36.06 20.70 0.05
CA HIS B 194 36.83 19.75 0.86
C HIS B 194 38.34 19.66 0.55
N ALA B 213 30.42 28.51 -0.95
CA ALA B 213 29.75 28.95 0.27
C ALA B 213 29.53 27.84 1.32
N VAL B 214 28.49 27.03 1.16
CA VAL B 214 28.06 26.07 2.18
C VAL B 214 28.52 24.65 1.86
N SER B 215 28.29 23.71 2.80
CA SER B 215 28.76 22.32 2.80
C SER B 215 27.57 21.35 2.88
N TRP B 216 27.88 20.09 3.17
CA TRP B 216 26.87 19.03 3.22
C TRP B 216 25.70 19.13 4.21
N PRO B 217 25.85 19.51 5.51
CA PRO B 217 24.64 19.51 6.37
C PRO B 217 23.69 20.64 6.07
N GLU B 218 24.18 21.71 5.43
CA GLU B 218 23.32 22.73 4.87
C GLU B 218 22.48 22.16 3.73
N VAL B 219 23.06 21.25 2.94
CA VAL B 219 22.33 20.60 1.86
C VAL B 219 21.30 19.64 2.42
N GLU B 220 21.72 18.85 3.43
CA GLU B 220 20.88 17.84 4.06
C GLU B 220 19.67 18.46 4.75
N GLU B 221 19.83 19.66 5.33
CA GLU B 221 18.68 20.37 5.90
C GLU B 221 17.76 20.88 4.82
N ALA B 222 18.35 21.34 3.71
CA ALA B 222 17.59 21.93 2.62
C ALA B 222 16.76 20.89 1.87
N LEU B 223 17.22 19.63 1.83
CA LEU B 223 16.40 18.57 1.29
C LEU B 223 15.18 18.30 2.15
N VAL B 224 15.32 18.47 3.46
CA VAL B 224 14.21 18.28 4.37
C VAL B 224 13.25 19.47 4.29
N LEU B 225 13.82 20.68 4.11
CA LEU B 225 13.00 21.86 3.89
C LEU B 225 12.29 21.82 2.53
N LEU B 226 12.95 21.28 1.49
CA LEU B 226 12.25 21.06 0.22
C LEU B 226 11.19 19.98 0.31
N GLN B 227 11.42 19.01 1.19
CA GLN B 227 10.45 17.96 1.46
C GLN B 227 9.18 18.52 2.09
N LEU B 228 9.34 19.32 3.15
CA LEU B 228 8.20 19.63 3.99
C LEU B 228 7.32 20.72 3.38
N TRP B 229 7.94 21.76 2.81
CA TRP B 229 7.17 22.89 2.28
C TRP B 229 6.46 22.52 0.99
N ALA B 230 7.13 21.79 0.10
CA ALA B 230 6.62 21.69 -1.26
C ALA B 230 6.63 20.29 -1.86
N ASN B 231 6.69 19.23 -1.03
CA ASN B 231 6.55 17.81 -1.39
C ASN B 231 7.59 17.38 -2.43
N LEU B 232 8.78 17.98 -2.36
CA LEU B 232 9.69 18.09 -3.51
C LEU B 232 10.98 17.32 -3.28
N ASP B 233 11.20 16.29 -4.08
CA ASP B 233 12.42 15.52 -4.02
C ASP B 233 13.44 16.01 -5.05
N VAL B 234 14.69 15.87 -4.69
CA VAL B 234 15.80 16.16 -5.58
C VAL B 234 16.64 14.90 -5.68
N LEU B 235 16.86 14.46 -6.90
CA LEU B 235 17.48 13.19 -7.20
C LEU B 235 18.96 13.42 -7.35
N LEU B 236 19.73 13.06 -6.34
CA LEU B 236 21.17 13.28 -6.36
C LEU B 236 21.81 12.02 -6.91
N VAL B 237 22.38 12.12 -8.10
CA VAL B 237 23.01 10.99 -8.79
C VAL B 237 24.50 11.28 -8.98
N ALA B 238 25.21 10.37 -9.63
CA ALA B 238 26.63 10.55 -9.90
C ALA B 238 27.04 10.34 -11.35
N SER B 239 26.09 10.13 -12.26
CA SER B 239 26.37 9.90 -13.68
C SER B 239 25.13 10.20 -14.51
N TRP B 240 25.32 10.28 -15.83
CA TRP B 240 24.16 10.38 -16.71
C TRP B 240 23.43 9.07 -16.83
N GLN B 241 24.10 7.94 -16.56
CA GLN B 241 23.44 6.65 -16.62
C GLN B 241 22.47 6.48 -15.47
N GLU B 242 22.84 6.98 -14.28
CA GLU B 242 21.98 6.86 -13.12
C GLU B 242 20.76 7.73 -13.24
N LEU B 243 20.95 8.90 -13.87
CA LEU B 243 19.85 9.77 -14.26
C LEU B 243 18.92 9.07 -15.24
N SER B 244 19.51 8.39 -16.22
CA SER B 244 18.75 7.70 -17.23
C SER B 244 18.05 6.45 -16.69
N ARG B 245 18.68 5.77 -15.70
CA ARG B 245 18.02 4.68 -14.97
C ARG B 245 16.73 5.12 -14.33
N HIS B 246 16.77 6.24 -13.60
CA HIS B 246 15.57 6.79 -12.98
C HIS B 246 14.59 7.36 -13.98
N VAL B 247 15.08 7.93 -15.09
CA VAL B 247 14.19 8.50 -16.10
C VAL B 247 13.40 7.40 -16.79
N CYS B 248 14.05 6.25 -17.01
CA CYS B 248 13.34 5.08 -17.52
C CYS B 248 12.41 4.47 -16.48
N ALA B 249 12.82 4.50 -15.21
CA ALA B 249 11.99 3.95 -14.14
C ALA B 249 10.74 4.79 -13.92
N VAL B 250 10.82 6.11 -14.10
CA VAL B 250 9.66 6.98 -14.07
C VAL B 250 8.76 6.67 -15.25
N THR B 251 9.36 6.34 -16.38
CA THR B 251 8.59 6.17 -17.58
C THR B 251 7.87 4.83 -17.59
N LYS B 252 8.50 3.78 -17.03
CA LYS B 252 7.77 2.54 -16.82
C LYS B 252 6.74 2.68 -15.71
N ALA B 253 6.96 3.58 -14.75
CA ALA B 253 5.94 3.86 -13.74
C ALA B 253 4.73 4.55 -14.33
N LEU B 254 4.92 5.46 -15.27
CA LEU B 254 3.75 6.11 -15.85
C LEU B 254 3.04 5.26 -16.90
N ALA B 255 3.63 4.17 -17.36
CA ALA B 255 2.87 3.27 -18.21
C ALA B 255 2.07 2.27 -17.39
N GLN B 256 2.55 1.93 -16.20
CA GLN B 256 1.80 0.98 -15.41
C GLN B 256 0.70 1.62 -14.59
N TYR B 257 0.73 2.96 -14.44
CA TYR B 257 -0.28 3.71 -13.67
C TYR B 257 -1.76 3.54 -14.09
N PRO B 258 -2.17 3.53 -15.37
CA PRO B 258 -3.62 3.39 -15.62
C PRO B 258 -4.19 1.99 -15.43
N LEU B 259 -3.34 0.96 -15.56
CA LEU B 259 -3.71 -0.39 -15.16
C LEU B 259 -4.06 -0.44 -13.67
N LYS B 260 -3.19 0.13 -12.84
CA LYS B 260 -3.29 -0.01 -11.38
C LYS B 260 -4.45 0.80 -10.81
N GLN B 261 -4.79 1.92 -11.45
CA GLN B 261 -5.87 2.73 -10.92
C GLN B 261 -7.22 2.12 -11.22
N TYR B 262 -7.34 1.36 -12.30
CA TYR B 262 -8.63 0.75 -12.59
C TYR B 262 -8.81 -0.57 -11.84
N ARG B 263 -7.80 -1.05 -11.13
CA ARG B 263 -8.09 -2.04 -10.11
C ARG B 263 -8.06 -1.47 -8.70
N GLU B 264 -7.57 -0.24 -8.50
CA GLU B 264 -7.66 0.36 -7.18
C GLU B 264 -9.09 0.80 -6.97
N SER B 265 -9.51 1.78 -7.76
CA SER B 265 -10.91 2.07 -7.95
C SER B 265 -11.49 1.03 -8.89
N GLN B 266 -12.83 0.96 -8.90
CA GLN B 266 -13.64 -0.07 -9.60
C GLN B 266 -13.26 -1.51 -9.20
N ALA B 267 -12.89 -1.67 -7.94
CA ALA B 267 -12.89 -2.93 -7.21
C ALA B 267 -13.53 -2.65 -5.85
N PHE B 268 -14.56 -3.42 -5.49
CA PHE B 268 -15.27 -3.19 -4.23
C PHE B 268 -14.42 -3.60 -3.04
N SER B 269 -14.80 -3.09 -1.86
CA SER B 269 -13.87 -2.83 -0.76
C SER B 269 -13.53 -4.08 0.08
N PHE B 270 -12.99 -5.11 -0.58
CA PHE B 270 -12.41 -6.25 0.11
C PHE B 270 -11.21 -6.90 -0.57
N CYS B 271 -10.68 -6.33 -1.66
CA CYS B 271 -9.76 -7.04 -2.54
C CYS B 271 -8.33 -7.10 -1.98
N THR B 272 -7.70 -5.93 -1.84
CA THR B 272 -6.30 -5.69 -1.38
C THR B 272 -5.25 -6.46 -2.20
N ALA B 277 -5.89 -13.34 -9.52
CA ALA B 277 -7.14 -13.04 -8.82
C ALA B 277 -8.36 -13.65 -9.51
N ALA B 278 -8.29 -14.93 -9.91
CA ALA B 278 -9.32 -15.63 -10.70
C ALA B 278 -10.03 -16.72 -9.87
N GLY B 279 -11.02 -17.37 -10.48
CA GLY B 279 -11.84 -18.37 -9.82
C GLY B 279 -11.59 -19.78 -10.33
N GLU B 280 -11.72 -20.77 -9.41
CA GLU B 280 -11.57 -22.18 -9.78
C GLU B 280 -12.72 -22.65 -10.66
N PRO B 281 -12.45 -23.34 -11.77
CA PRO B 281 -13.52 -23.77 -12.67
C PRO B 281 -14.29 -24.96 -12.10
N VAL B 282 -15.60 -24.89 -12.21
CA VAL B 282 -16.48 -25.93 -11.72
C VAL B 282 -17.31 -26.46 -12.89
N ALA B 283 -17.44 -27.79 -12.95
CA ALA B 283 -18.18 -28.48 -14.01
C ALA B 283 -19.67 -28.49 -13.69
N ARG B 284 -20.43 -29.34 -14.41
CA ARG B 284 -21.84 -29.54 -14.08
C ARG B 284 -21.97 -30.27 -12.74
N ASP B 285 -21.07 -31.21 -12.45
CA ASP B 285 -21.17 -32.03 -11.26
C ASP B 285 -20.35 -31.49 -10.10
N GLY B 286 -20.21 -30.17 -9.99
CA GLY B 286 -19.31 -29.59 -9.02
C GLY B 286 -17.87 -29.82 -9.41
N ALA B 287 -17.20 -30.73 -8.70
CA ALA B 287 -16.00 -31.48 -9.09
C ALA B 287 -14.74 -30.64 -9.19
N GLY B 288 -14.79 -29.33 -8.93
CA GLY B 288 -13.63 -28.50 -8.76
C GLY B 288 -13.86 -27.65 -7.53
N LEU B 289 -14.98 -27.92 -6.87
CA LEU B 289 -15.38 -27.15 -5.69
C LEU B 289 -14.48 -27.39 -4.50
N GLN B 290 -13.91 -28.61 -4.39
CA GLN B 290 -12.99 -28.93 -3.29
C GLN B 290 -11.71 -28.09 -3.37
N ALA B 291 -11.19 -27.88 -4.58
CA ALA B 291 -10.05 -26.99 -4.77
C ALA B 291 -10.44 -25.52 -4.59
N ALA B 292 -11.71 -25.19 -4.82
CA ALA B 292 -12.19 -23.85 -4.47
C ALA B 292 -12.39 -23.69 -2.97
N TRP B 293 -12.97 -24.71 -2.32
CA TRP B 293 -13.18 -24.71 -0.87
C TRP B 293 -11.86 -24.73 -0.11
N ARG B 294 -10.84 -25.38 -0.68
CA ARG B 294 -9.47 -25.35 -0.14
C ARG B 294 -8.93 -23.94 -0.17
N ARG B 295 -9.26 -23.21 -1.22
CA ARG B 295 -8.73 -21.88 -1.36
C ARG B 295 -9.56 -20.88 -0.57
N GLN B 296 -10.81 -21.22 -0.24
CA GLN B 296 -11.63 -20.37 0.63
C GLN B 296 -11.06 -20.27 2.03
N ILE B 297 -10.51 -21.38 2.54
CA ILE B 297 -9.84 -21.39 3.83
C ILE B 297 -8.55 -20.59 3.76
N ARG B 298 -7.88 -20.64 2.60
CA ARG B 298 -6.68 -19.86 2.32
C ARG B 298 -6.97 -18.35 2.23
N GLN B 299 -8.25 -17.94 2.10
CA GLN B 299 -8.66 -16.53 2.16
C GLN B 299 -8.78 -15.97 3.59
N PHE B 300 -8.62 -16.79 4.63
CA PHE B 300 -8.36 -16.24 5.95
C PHE B 300 -6.96 -15.66 6.00
N SER B 301 -6.76 -14.70 6.91
CA SER B 301 -5.42 -14.16 7.11
C SER B 301 -4.55 -15.20 7.77
N ARG B 302 -3.25 -15.13 7.42
CA ARG B 302 -2.15 -15.88 8.02
C ARG B 302 -2.29 -17.38 7.77
N VAL B 303 -2.76 -17.78 6.58
CA VAL B 303 -2.97 -19.21 6.31
C VAL B 303 -2.12 -19.64 5.12
N SER B 304 -1.09 -20.45 5.40
CA SER B 304 -0.33 -21.17 4.38
C SER B 304 -1.23 -22.19 3.69
N PRO B 305 -1.02 -22.46 2.39
CA PRO B 305 -1.83 -23.46 1.68
C PRO B 305 -1.68 -24.89 2.18
N ALA B 306 -0.58 -25.21 2.87
CA ALA B 306 -0.47 -26.49 3.57
C ALA B 306 -1.44 -26.58 4.75
N VAL B 307 -1.63 -25.46 5.45
CA VAL B 307 -2.58 -25.40 6.56
C VAL B 307 -4.01 -25.49 6.04
N ALA B 308 -4.27 -24.86 4.88
CA ALA B 308 -5.60 -24.82 4.29
C ALA B 308 -6.05 -26.18 3.77
N ASP B 309 -5.10 -27.00 3.32
CA ASP B 309 -5.44 -28.35 2.86
C ASP B 309 -5.76 -29.27 4.03
N ALA B 310 -5.17 -29.00 5.20
CA ALA B 310 -5.45 -29.83 6.38
C ALA B 310 -6.85 -29.62 6.90
N VAL B 311 -7.42 -28.43 6.68
CA VAL B 311 -8.80 -28.15 7.05
C VAL B 311 -9.76 -28.95 6.19
N VAL B 312 -9.51 -28.97 4.88
CA VAL B 312 -10.45 -29.50 3.91
C VAL B 312 -10.36 -31.02 3.80
N THR B 313 -9.19 -31.60 4.10
CA THR B 313 -9.03 -33.06 4.18
C THR B 313 -9.93 -33.64 5.26
N ALA B 314 -9.98 -32.94 6.39
CA ALA B 314 -10.84 -33.32 7.49
C ALA B 314 -12.31 -33.09 7.15
N PHE B 315 -12.63 -31.95 6.54
CA PHE B 315 -14.04 -31.56 6.35
C PHE B 315 -14.28 -31.05 4.95
N PRO B 316 -14.56 -31.97 4.01
CA PRO B 316 -14.50 -31.59 2.59
C PRO B 316 -15.71 -30.86 2.05
N SER B 317 -16.74 -30.58 2.84
CA SER B 317 -17.78 -29.67 2.36
C SER B 317 -17.97 -28.62 3.44
N PRO B 318 -18.55 -27.47 3.10
CA PRO B 318 -19.02 -26.55 4.16
C PRO B 318 -20.05 -27.15 5.11
N ARG B 319 -21.01 -27.94 4.60
CA ARG B 319 -22.01 -28.57 5.45
C ARG B 319 -21.43 -29.68 6.30
N LEU B 320 -20.29 -30.27 5.90
CA LEU B 320 -19.60 -31.24 6.72
C LEU B 320 -18.80 -30.61 7.85
N LEU B 321 -18.54 -29.31 7.77
CA LEU B 321 -17.84 -28.66 8.87
C LEU B 321 -18.79 -28.00 9.84
N GLN B 322 -19.94 -27.52 9.36
CA GLN B 322 -20.92 -27.00 10.31
C GLN B 322 -21.56 -28.14 11.07
N GLN B 323 -21.64 -29.34 10.48
CA GLN B 323 -22.28 -30.46 11.14
C GLN B 323 -21.38 -30.97 12.25
N ALA B 324 -20.07 -30.86 12.04
CA ALA B 324 -19.11 -31.23 13.07
C ALA B 324 -19.07 -30.23 14.21
N LEU B 325 -19.31 -28.96 13.92
CA LEU B 325 -19.34 -27.95 14.98
C LEU B 325 -20.59 -28.10 15.83
N GLU B 326 -21.71 -28.46 15.20
CA GLU B 326 -22.96 -28.54 15.95
C GLU B 326 -23.09 -29.82 16.76
N ALA B 327 -22.25 -30.80 16.49
CA ALA B 327 -22.14 -32.01 17.29
C ALA B 327 -21.35 -31.81 18.58
N CYS B 328 -20.75 -30.65 18.80
CA CYS B 328 -20.00 -30.39 20.01
C CYS B 328 -20.95 -29.95 21.10
N SER B 329 -20.59 -30.25 22.35
CA SER B 329 -21.42 -29.82 23.47
C SER B 329 -21.03 -28.43 23.96
N THR B 330 -19.78 -28.27 24.36
CA THR B 330 -19.32 -26.97 24.85
C THR B 330 -18.69 -26.15 23.73
N GLU B 331 -18.72 -24.81 23.93
CA GLU B 331 -18.17 -23.83 22.99
C GLU B 331 -16.66 -23.98 22.83
N ARG B 332 -15.97 -24.54 23.83
CA ARG B 332 -14.53 -24.78 23.76
C ARG B 332 -14.22 -25.86 22.73
N GLU B 333 -15.10 -26.86 22.60
CA GLU B 333 -14.93 -27.90 21.60
C GLU B 333 -15.13 -27.36 20.19
N ARG B 334 -16.01 -26.38 20.06
CA ARG B 334 -16.24 -25.71 18.78
C ARG B 334 -15.03 -24.90 18.37
N MET B 335 -14.40 -24.21 19.31
CA MET B 335 -13.29 -23.33 18.99
C MET B 335 -11.98 -24.07 18.80
N GLY B 336 -11.93 -25.34 19.19
CA GLY B 336 -10.70 -26.10 19.11
C GLY B 336 -10.86 -27.35 18.27
N LEU B 337 -11.88 -27.33 17.42
CA LEU B 337 -12.22 -28.49 16.58
C LEU B 337 -11.12 -28.79 15.56
N LEU B 338 -10.56 -27.76 14.94
CA LEU B 338 -9.56 -27.96 13.92
C LEU B 338 -8.15 -27.83 14.45
N ALA B 339 -8.00 -27.61 15.77
CA ALA B 339 -6.71 -27.22 16.32
C ALA B 339 -5.74 -28.39 16.30
N ASP B 340 -6.23 -29.59 16.53
CA ASP B 340 -5.38 -30.78 16.60
C ASP B 340 -5.26 -31.46 15.23
N LEU B 341 -4.94 -30.72 14.17
CA LEU B 341 -4.84 -31.32 12.85
C LEU B 341 -3.41 -31.18 12.34
N PRO B 342 -2.75 -32.27 11.94
CA PRO B 342 -1.31 -32.23 11.65
C PRO B 342 -0.93 -31.54 10.33
N VAL B 343 0.22 -30.86 10.37
CA VAL B 343 0.72 -29.95 9.35
C VAL B 343 2.14 -30.43 9.01
N PRO B 344 2.58 -30.29 7.75
CA PRO B 344 4.02 -30.41 7.40
C PRO B 344 4.93 -29.58 8.29
N PRO B 345 6.01 -30.19 8.81
CA PRO B 345 6.87 -29.48 9.78
C PRO B 345 7.70 -28.33 9.23
N SER B 346 8.02 -28.31 7.92
CA SER B 346 8.65 -27.18 7.20
C SER B 346 10.03 -26.72 7.72
N GLU B 347 11.07 -27.47 7.31
CA GLU B 347 12.53 -27.29 7.39
C GLU B 347 13.13 -27.70 8.74
N GLY B 348 12.33 -28.05 9.73
CA GLY B 348 12.86 -28.57 10.97
C GLY B 348 11.89 -29.61 11.49
N GLY B 349 12.40 -30.69 12.09
CA GLY B 349 11.65 -31.91 12.40
C GLY B 349 10.53 -31.77 13.42
N ARG B 350 10.43 -30.63 14.10
CA ARG B 350 9.39 -30.13 14.97
C ARG B 350 8.01 -30.15 14.25
N PRO B 351 7.14 -31.08 14.60
CA PRO B 351 5.90 -31.24 13.83
C PRO B 351 4.90 -30.14 14.16
N ARG B 352 4.13 -29.76 13.16
CA ARG B 352 3.24 -28.62 13.29
C ARG B 352 1.79 -29.06 13.27
N ARG B 353 0.92 -28.20 13.81
CA ARG B 353 -0.51 -28.38 13.76
C ARG B 353 -1.18 -27.08 13.31
N VAL B 354 -2.49 -27.18 13.05
CA VAL B 354 -3.27 -26.03 12.57
C VAL B 354 -3.45 -25.01 13.68
N GLY B 355 -3.81 -25.44 14.87
CA GLY B 355 -3.67 -24.59 16.02
C GLY B 355 -4.91 -23.79 16.30
N PRO B 356 -4.97 -23.17 17.48
CA PRO B 356 -6.26 -22.74 18.02
C PRO B 356 -6.80 -21.43 17.48
N ASP B 357 -5.90 -20.57 16.99
CA ASP B 357 -6.28 -19.25 16.52
C ASP B 357 -7.05 -19.34 15.22
N LEU B 358 -6.58 -20.17 14.30
CA LEU B 358 -7.32 -20.40 13.08
C LEU B 358 -8.57 -21.22 13.36
N SER B 359 -8.47 -22.16 14.30
CA SER B 359 -9.59 -23.02 14.67
C SER B 359 -10.71 -22.23 15.34
N ARG B 360 -10.39 -21.15 16.07
CA ARG B 360 -11.49 -20.35 16.55
C ARG B 360 -11.99 -19.39 15.50
N ARG B 361 -11.15 -18.99 14.53
CA ARG B 361 -11.58 -18.01 13.53
C ARG B 361 -12.56 -18.64 12.54
N ILE B 362 -12.34 -19.90 12.21
CA ILE B 362 -13.22 -20.67 11.35
C ILE B 362 -14.51 -21.00 12.08
N CYS B 363 -14.41 -21.20 13.39
CA CYS B 363 -15.57 -21.52 14.20
C CYS B 363 -16.51 -20.34 14.29
N LEU B 364 -15.99 -19.16 14.63
CA LEU B 364 -16.88 -18.01 14.64
C LEU B 364 -16.90 -17.27 13.32
N PHE B 365 -16.50 -17.90 12.24
CA PHE B 365 -16.94 -17.48 10.92
C PHE B 365 -18.29 -18.09 10.59
N LEU B 366 -18.37 -19.43 10.62
CA LEU B 366 -19.58 -20.13 10.23
C LEU B 366 -20.68 -20.09 11.28
N THR B 367 -20.35 -19.87 12.55
CA THR B 367 -21.40 -19.86 13.55
C THR B 367 -21.94 -18.49 13.83
N THR B 368 -21.16 -17.43 13.57
CA THR B 368 -21.57 -16.09 13.94
C THR B 368 -22.67 -15.61 12.99
N ALA B 369 -23.47 -14.68 13.50
CA ALA B 369 -24.45 -13.93 12.73
C ALA B 369 -24.10 -12.45 12.68
N ASN B 370 -22.95 -12.08 13.25
CA ASN B 370 -22.46 -10.71 13.23
C ASN B 370 -21.46 -10.59 12.09
N PRO B 371 -21.78 -9.87 11.01
CA PRO B 371 -20.81 -9.71 9.91
C PRO B 371 -19.74 -8.68 10.19
N ASP B 372 -19.93 -7.84 11.21
CA ASP B 372 -18.98 -6.81 11.63
C ASP B 372 -18.02 -7.33 12.69
N LEU B 373 -18.12 -8.61 13.04
CA LEU B 373 -17.21 -9.21 14.01
C LEU B 373 -15.81 -9.33 13.44
N LEU B 374 -14.83 -8.85 14.19
CA LEU B 374 -13.46 -8.99 13.77
C LEU B 374 -12.95 -10.34 14.19
N LEU B 375 -12.41 -11.09 13.23
CA LEU B 375 -11.87 -12.41 13.53
C LEU B 375 -10.55 -12.29 14.27
N ASP B 376 -9.76 -11.32 13.87
CA ASP B 376 -8.49 -11.05 14.50
C ASP B 376 -8.28 -9.56 14.40
N LEU B 377 -7.19 -9.08 14.99
CA LEU B 377 -6.79 -7.71 14.73
C LEU B 377 -5.64 -7.64 13.72
N GLY B 378 -4.56 -8.41 13.92
CA GLY B 378 -3.46 -8.46 12.96
C GLY B 378 -2.40 -9.49 13.28
#